data_8H5E
#
_entry.id   8H5E
#
_cell.length_a   64.760
_cell.length_b   70.280
_cell.length_c   103.970
_cell.angle_alpha   90.00
_cell.angle_beta   90.00
_cell.angle_gamma   90.00
#
_symmetry.space_group_name_H-M   'P 21 21 21'
#
loop_
_entity.id
_entity.type
_entity.pdbx_description
1 polymer 'Magnesium transporter MgtE'
2 non-polymer '(2R)-2,3-dihydroxypropyl (9Z)-octadec-9-enoate'
3 non-polymer 'CALCIUM ION'
4 water water
#
_entity_poly.entity_id   1
_entity_poly.type   'polypeptide(L)'
_entity_poly.pdbx_seq_one_letter_code
;VPDLVYSEAGPVALWLARVRWLVILILTGMVTSSILQGFESVLEAVTALAFYVPVLLGTGGNTGNQSATLIIRALATRDL
DLRDWRRVFLKEMGVGLLLGLTLSFLLVGKVYWDGHPLLLPVVGVSLVLIVFFANLVGAMLPFLLRRLGVDPALVSNPLV
ATLSDVTGLLIYLSVARLLLEAV
;
_entity_poly.pdbx_strand_id   A,B
#
loop_
_chem_comp.id
_chem_comp.type
_chem_comp.name
_chem_comp.formula
CA non-polymer 'CALCIUM ION' 'Ca 2'
OLC non-polymer '(2R)-2,3-dihydroxypropyl (9Z)-octadec-9-enoate' 'C21 H40 O4'
#
# COMPACT_ATOMS: atom_id res chain seq x y z
N LEU A 4 11.03 -23.15 -0.31
CA LEU A 4 12.19 -22.97 0.56
C LEU A 4 13.35 -22.32 -0.19
N VAL A 5 13.93 -23.05 -1.14
CA VAL A 5 15.09 -22.58 -1.88
C VAL A 5 14.64 -22.17 -3.28
N TYR A 6 14.81 -20.88 -3.58
CA TYR A 6 14.23 -20.32 -4.80
C TYR A 6 14.84 -20.92 -6.05
N SER A 7 16.15 -21.19 -6.02
CA SER A 7 16.84 -21.64 -7.23
C SER A 7 16.36 -23.01 -7.68
N GLU A 8 15.85 -23.83 -6.75
CA GLU A 8 15.38 -25.17 -7.08
C GLU A 8 13.85 -25.27 -7.00
N ALA A 9 13.15 -24.15 -7.11
CA ALA A 9 11.69 -24.12 -7.10
C ALA A 9 11.18 -23.67 -8.47
N GLY A 10 10.18 -24.38 -8.99
CA GLY A 10 9.58 -24.10 -10.26
C GLY A 10 8.38 -23.17 -10.17
N PRO A 11 7.90 -22.68 -11.34
CA PRO A 11 6.73 -21.76 -11.33
C PRO A 11 5.56 -22.26 -10.51
N VAL A 12 5.11 -23.48 -10.77
CA VAL A 12 3.99 -24.04 -10.03
C VAL A 12 4.32 -24.15 -8.53
N ALA A 13 5.56 -24.50 -8.22
CA ALA A 13 5.99 -24.61 -6.83
C ALA A 13 5.92 -23.26 -6.12
N LEU A 14 6.44 -22.22 -6.77
CA LEU A 14 6.39 -20.88 -6.19
C LEU A 14 4.94 -20.40 -6.08
N TRP A 15 4.12 -20.68 -7.10
CA TRP A 15 2.71 -20.30 -7.05
C TRP A 15 2.03 -20.92 -5.85
N LEU A 16 2.24 -22.22 -5.62
CA LEU A 16 1.59 -22.89 -4.49
C LEU A 16 2.12 -22.39 -3.15
N ALA A 17 3.38 -21.95 -3.11
CA ALA A 17 3.95 -21.44 -1.86
C ALA A 17 3.48 -20.03 -1.53
N ARG A 18 3.15 -19.22 -2.53
CA ARG A 18 2.81 -17.82 -2.31
C ARG A 18 1.31 -17.54 -2.28
N VAL A 19 0.49 -18.46 -2.78
CA VAL A 19 -0.89 -18.10 -3.14
C VAL A 19 -1.75 -17.82 -1.90
N ARG A 20 -1.65 -18.66 -0.86
CA ARG A 20 -2.62 -18.58 0.23
C ARG A 20 -2.49 -17.24 0.95
N TRP A 21 -1.26 -16.75 1.13
CA TRP A 21 -1.04 -15.50 1.82
C TRP A 21 -1.64 -14.32 1.05
N LEU A 22 -1.51 -14.29 -0.27
CA LEU A 22 -2.13 -13.25 -1.08
C LEU A 22 -3.65 -13.37 -1.06
N VAL A 23 -4.17 -14.60 -1.05
CA VAL A 23 -5.61 -14.82 -1.06
C VAL A 23 -6.24 -14.31 0.24
N ILE A 24 -5.60 -14.57 1.38
CA ILE A 24 -6.07 -14.01 2.63
C ILE A 24 -6.06 -12.48 2.56
N LEU A 25 -5.03 -11.92 1.92
CA LEU A 25 -4.90 -10.46 1.86
C LEU A 25 -5.98 -9.83 0.96
N ILE A 26 -6.33 -10.47 -0.15
CA ILE A 26 -7.33 -9.88 -1.03
C ILE A 26 -8.73 -10.06 -0.49
N LEU A 27 -9.01 -11.20 0.14
CA LEU A 27 -10.31 -11.41 0.74
C LEU A 27 -10.56 -10.37 1.82
N THR A 28 -9.56 -10.09 2.64
CA THR A 28 -9.62 -8.95 3.55
C THR A 28 -9.68 -7.64 2.77
N GLY A 29 -8.94 -7.55 1.66
CA GLY A 29 -8.86 -6.29 0.93
C GLY A 29 -10.18 -5.86 0.30
N MET A 30 -11.05 -6.81 -0.03
CA MET A 30 -12.31 -6.48 -0.70
C MET A 30 -13.23 -5.63 0.15
N VAL A 31 -13.04 -5.62 1.47
CA VAL A 31 -13.95 -4.88 2.35
C VAL A 31 -13.94 -3.39 1.99
N THR A 32 -12.81 -2.89 1.48
CA THR A 32 -12.71 -1.49 1.10
C THR A 32 -13.72 -1.12 0.01
N SER A 33 -13.91 -2.02 -0.96
CA SER A 33 -14.89 -1.76 -2.01
C SER A 33 -16.31 -1.71 -1.44
N SER A 34 -16.58 -2.55 -0.44
CA SER A 34 -17.88 -2.49 0.23
C SER A 34 -18.05 -1.16 0.96
N ILE A 35 -17.00 -0.67 1.60
CA ILE A 35 -17.07 0.62 2.29
C ILE A 35 -17.28 1.75 1.29
N LEU A 36 -16.55 1.73 0.17
CA LEU A 36 -16.66 2.80 -0.81
C LEU A 36 -18.05 2.84 -1.46
N GLN A 37 -18.68 1.68 -1.65
CA GLN A 37 -20.02 1.64 -2.22
C GLN A 37 -21.03 2.33 -1.29
N GLY A 38 -20.87 2.15 0.02
CA GLY A 38 -21.75 2.78 0.98
C GLY A 38 -21.66 4.30 1.03
N PHE A 39 -20.62 4.88 0.44
CA PHE A 39 -20.46 6.33 0.35
C PHE A 39 -20.64 6.84 -1.08
N GLU A 40 -21.38 6.08 -1.90
CA GLU A 40 -21.53 6.40 -3.32
C GLU A 40 -22.04 7.82 -3.54
N SER A 41 -22.93 8.31 -2.67
CA SER A 41 -23.58 9.58 -2.92
C SER A 41 -22.61 10.75 -2.83
N VAL A 42 -21.73 10.76 -1.82
CA VAL A 42 -20.74 11.83 -1.74
C VAL A 42 -19.72 11.70 -2.87
N LEU A 43 -19.31 10.46 -3.19
CA LEU A 43 -18.41 10.25 -4.31
C LEU A 43 -18.98 10.80 -5.61
N GLU A 44 -20.28 10.57 -5.86
CA GLU A 44 -20.89 11.09 -7.08
C GLU A 44 -21.08 12.60 -7.00
N ALA A 45 -21.48 13.11 -5.84
CA ALA A 45 -21.72 14.55 -5.68
C ALA A 45 -20.45 15.35 -5.94
N VAL A 46 -19.31 14.90 -5.40
CA VAL A 46 -18.05 15.58 -5.55
C VAL A 46 -17.08 14.54 -6.12
N THR A 47 -16.84 14.64 -7.43
CA THR A 47 -15.97 13.69 -8.11
C THR A 47 -14.54 13.75 -7.60
N ALA A 48 -14.08 14.95 -7.26
CA ALA A 48 -12.69 15.14 -6.85
C ALA A 48 -12.32 14.34 -5.62
N LEU A 49 -13.32 13.92 -4.82
CA LEU A 49 -13.04 13.06 -3.67
C LEU A 49 -12.24 11.83 -4.08
N ALA A 50 -12.58 11.21 -5.21
CA ALA A 50 -11.89 10.02 -5.66
C ALA A 50 -10.42 10.29 -5.98
N PHE A 51 -10.07 11.53 -6.33
CA PHE A 51 -8.73 11.81 -6.83
C PHE A 51 -7.66 11.53 -5.78
N TYR A 52 -7.99 11.65 -4.50
CA TYR A 52 -6.98 11.63 -3.44
C TYR A 52 -6.96 10.36 -2.60
N VAL A 53 -7.78 9.35 -2.93
CA VAL A 53 -7.78 8.12 -2.15
C VAL A 53 -6.42 7.43 -2.13
N PRO A 54 -5.74 7.20 -3.26
CA PRO A 54 -4.43 6.54 -3.19
C PRO A 54 -3.39 7.27 -2.36
N VAL A 55 -3.33 8.61 -2.42
CA VAL A 55 -2.28 9.33 -1.72
C VAL A 55 -2.49 9.20 -0.21
N LEU A 56 -3.73 9.37 0.24
CA LEU A 56 -4.04 9.32 1.66
C LEU A 56 -3.77 7.93 2.23
N LEU A 57 -4.30 6.89 1.60
CA LEU A 57 -4.06 5.53 2.05
C LEU A 57 -2.58 5.18 1.96
N GLY A 58 -1.92 5.62 0.89
CA GLY A 58 -0.50 5.34 0.75
C GLY A 58 0.36 6.01 1.81
N THR A 59 0.02 7.25 2.17
CA THR A 59 0.77 7.94 3.21
C THR A 59 0.56 7.29 4.57
N GLY A 60 -0.66 6.81 4.83
CA GLY A 60 -0.90 6.01 6.02
C GLY A 60 0.00 4.80 6.08
N GLY A 61 0.01 4.00 5.00
CA GLY A 61 0.81 2.79 4.97
C GLY A 61 2.29 3.06 5.14
N ASN A 62 2.81 4.11 4.50
CA ASN A 62 4.21 4.49 4.67
C ASN A 62 4.49 4.80 6.13
N THR A 63 3.63 5.61 6.75
CA THR A 63 3.82 6.00 8.15
C THR A 63 3.87 4.77 9.06
N GLY A 64 2.92 3.86 8.89
CA GLY A 64 2.86 2.70 9.76
C GLY A 64 4.04 1.76 9.57
N ASN A 65 4.49 1.57 8.33
CA ASN A 65 5.59 0.65 8.07
C ASN A 65 6.93 1.22 8.47
N GLN A 66 7.09 2.54 8.40
CA GLN A 66 8.22 3.19 9.04
C GLN A 66 8.18 2.94 10.55
N SER A 67 7.00 3.09 11.15
CA SER A 67 6.84 2.89 12.59
C SER A 67 7.15 1.46 12.99
N ALA A 68 6.61 0.49 12.26
CA ALA A 68 6.82 -0.91 12.60
C ALA A 68 8.29 -1.29 12.47
N THR A 69 8.97 -0.73 11.47
CA THR A 69 10.37 -1.06 11.25
C THR A 69 11.25 -0.63 12.42
N LEU A 70 11.00 0.54 13.00
CA LEU A 70 11.75 0.94 14.19
C LEU A 70 11.50 -0.02 15.35
N ILE A 71 10.23 -0.38 15.57
CA ILE A 71 9.89 -1.18 16.74
C ILE A 71 10.46 -2.60 16.61
N ILE A 72 10.33 -3.21 15.44
CA ILE A 72 10.91 -4.53 15.21
C ILE A 72 12.41 -4.51 15.48
N ARG A 73 13.08 -3.43 15.08
CA ARG A 73 14.51 -3.31 15.35
C ARG A 73 14.79 -3.23 16.84
N ALA A 74 14.09 -2.35 17.56
CA ALA A 74 14.35 -2.16 18.98
C ALA A 74 14.03 -3.43 19.77
N LEU A 75 13.08 -4.23 19.32
CA LEU A 75 12.76 -5.47 20.00
C LEU A 75 13.84 -6.52 19.78
N ALA A 76 14.40 -6.58 18.58
CA ALA A 76 15.43 -7.58 18.28
C ALA A 76 16.69 -7.32 19.09
N THR A 77 17.13 -6.07 19.17
CA THR A 77 18.31 -5.69 19.94
C THR A 77 18.05 -5.58 21.44
N ARG A 78 16.85 -5.98 21.90
CA ARG A 78 16.49 -5.91 23.31
C ARG A 78 16.61 -4.48 23.83
N ASP A 79 16.49 -3.51 22.91
CA ASP A 79 16.36 -2.11 23.30
C ASP A 79 15.00 -1.84 23.93
N LEU A 80 13.96 -2.51 23.46
CA LEU A 80 12.65 -2.52 24.07
C LEU A 80 12.30 -3.95 24.44
N ASP A 81 11.37 -4.09 25.39
CA ASP A 81 10.81 -5.38 25.72
C ASP A 81 9.29 -5.30 25.55
N LEU A 82 8.58 -6.44 25.68
CA LEU A 82 7.14 -6.40 25.40
C LEU A 82 6.34 -5.55 26.37
N ARG A 83 6.88 -5.27 27.54
CA ARG A 83 6.14 -4.49 28.53
C ARG A 83 6.16 -3.01 28.20
N ASP A 84 6.99 -2.61 27.25
CA ASP A 84 7.15 -1.20 26.92
C ASP A 84 6.10 -0.70 25.94
N TRP A 85 5.05 -1.49 25.66
CA TRP A 85 4.09 -1.08 24.64
C TRP A 85 3.22 0.05 25.15
N ARG A 86 3.00 0.11 26.47
CA ARG A 86 2.33 1.26 27.07
C ARG A 86 3.15 2.53 26.86
N ARG A 87 4.47 2.46 27.01
CA ARG A 87 5.31 3.63 26.81
C ARG A 87 5.45 3.99 25.34
N VAL A 88 5.67 3.00 24.47
CA VAL A 88 5.78 3.26 23.03
C VAL A 88 4.50 3.92 22.52
N PHE A 89 3.34 3.42 22.95
CA PHE A 89 2.06 3.98 22.53
C PHE A 89 1.97 5.46 22.87
N LEU A 90 2.24 5.81 24.13
CA LEU A 90 2.11 7.21 24.55
C LEU A 90 3.08 8.12 23.82
N LYS A 91 4.32 7.67 23.59
CA LYS A 91 5.26 8.50 22.85
C LYS A 91 4.87 8.60 21.38
N GLU A 92 4.41 7.50 20.77
CA GLU A 92 4.15 7.50 19.34
C GLU A 92 2.93 8.33 18.96
N MET A 93 1.98 8.54 19.87
CA MET A 93 0.89 9.42 19.52
C MET A 93 1.30 10.89 19.52
N GLY A 94 2.46 11.21 20.08
CA GLY A 94 3.08 12.51 19.90
C GLY A 94 3.76 12.62 18.55
N VAL A 95 4.54 11.61 18.19
CA VAL A 95 5.24 11.60 16.90
C VAL A 95 4.23 11.62 15.76
N GLY A 96 3.13 10.87 15.90
CA GLY A 96 2.15 10.82 14.83
C GLY A 96 1.46 12.14 14.60
N LEU A 97 1.15 12.86 15.69
CA LEU A 97 0.54 14.18 15.55
C LEU A 97 1.46 15.10 14.75
N LEU A 98 2.75 15.08 15.09
CA LEU A 98 3.75 15.91 14.42
C LEU A 98 3.91 15.53 12.96
N LEU A 99 4.04 14.23 12.67
CA LEU A 99 4.13 13.80 11.28
C LEU A 99 2.83 14.07 10.53
N GLY A 100 1.69 13.91 11.21
CA GLY A 100 0.41 14.13 10.56
C GLY A 100 0.23 15.57 10.11
N LEU A 101 0.50 16.51 11.01
CA LEU A 101 0.38 17.92 10.66
C LEU A 101 1.35 18.30 9.55
N THR A 102 2.58 17.78 9.61
CA THR A 102 3.57 18.08 8.59
C THR A 102 3.12 17.63 7.21
N LEU A 103 2.86 16.33 7.05
CA LEU A 103 2.44 15.81 5.76
C LEU A 103 1.10 16.39 5.33
N SER A 104 0.19 16.63 6.28
CA SER A 104 -1.09 17.25 5.95
C SER A 104 -0.89 18.63 5.35
N PHE A 105 0.10 19.38 5.85
CA PHE A 105 0.37 20.70 5.31
C PHE A 105 0.73 20.61 3.83
N LEU A 106 1.55 19.63 3.45
CA LEU A 106 1.93 19.47 2.05
C LEU A 106 0.73 19.10 1.18
N LEU A 107 -0.08 18.14 1.62
CA LEU A 107 -1.16 17.66 0.76
C LEU A 107 -2.25 18.70 0.57
N VAL A 108 -2.57 19.47 1.61
CA VAL A 108 -3.53 20.56 1.48
C VAL A 108 -3.05 21.56 0.43
N GLY A 109 -1.74 21.84 0.43
CA GLY A 109 -1.19 22.71 -0.61
C GLY A 109 -1.41 22.16 -2.00
N LYS A 110 -1.37 20.84 -2.15
CA LYS A 110 -1.67 20.24 -3.44
C LYS A 110 -3.14 20.40 -3.81
N VAL A 111 -4.04 20.34 -2.82
CA VAL A 111 -5.46 20.52 -3.11
C VAL A 111 -5.74 21.97 -3.49
N TYR A 112 -5.09 22.92 -2.82
CA TYR A 112 -5.20 24.32 -3.22
C TYR A 112 -4.72 24.50 -4.66
N TRP A 113 -3.59 23.89 -5.01
CA TRP A 113 -3.11 23.96 -6.39
C TRP A 113 -4.13 23.38 -7.36
N ASP A 114 -4.76 22.26 -6.99
CA ASP A 114 -5.77 21.66 -7.84
C ASP A 114 -7.09 22.44 -7.85
N GLY A 115 -7.29 23.35 -6.90
CA GLY A 115 -8.47 24.18 -6.92
C GLY A 115 -9.75 23.48 -6.52
N HIS A 116 -9.75 22.82 -5.37
CA HIS A 116 -10.93 22.15 -4.83
C HIS A 116 -11.21 22.67 -3.42
N PRO A 117 -11.71 23.91 -3.30
CA PRO A 117 -11.87 24.51 -1.96
C PRO A 117 -12.72 23.70 -0.99
N LEU A 118 -13.76 23.02 -1.48
CA LEU A 118 -14.57 22.18 -0.60
C LEU A 118 -13.76 21.08 0.07
N LEU A 119 -12.64 20.66 -0.53
CA LEU A 119 -11.86 19.54 -0.02
C LEU A 119 -10.67 19.96 0.84
N LEU A 120 -10.39 21.25 0.95
CA LEU A 120 -9.34 21.72 1.86
C LEU A 120 -9.53 21.24 3.30
N PRO A 121 -10.71 21.36 3.93
CA PRO A 121 -10.86 20.76 5.26
C PRO A 121 -10.96 19.24 5.23
N VAL A 122 -11.57 18.66 4.19
CA VAL A 122 -11.75 17.22 4.13
C VAL A 122 -10.41 16.50 4.11
N VAL A 123 -9.52 16.91 3.20
CA VAL A 123 -8.22 16.26 3.09
C VAL A 123 -7.33 16.58 4.28
N GLY A 124 -7.32 17.83 4.72
CA GLY A 124 -6.40 18.21 5.79
C GLY A 124 -6.68 17.47 7.09
N VAL A 125 -7.95 17.41 7.48
CA VAL A 125 -8.33 16.67 8.69
C VAL A 125 -7.99 15.18 8.52
N SER A 126 -8.34 14.60 7.37
CA SER A 126 -8.21 13.16 7.19
C SER A 126 -6.77 12.69 7.29
N LEU A 127 -5.83 13.39 6.65
CA LEU A 127 -4.44 12.93 6.67
C LEU A 127 -3.85 13.01 8.07
N VAL A 128 -4.22 14.05 8.83
CA VAL A 128 -3.74 14.15 10.22
C VAL A 128 -4.22 12.94 11.01
N LEU A 129 -5.50 12.62 10.91
CA LEU A 129 -6.04 11.43 11.59
C LEU A 129 -5.44 10.15 11.00
N ILE A 130 -5.33 10.08 9.67
CA ILE A 130 -4.83 8.87 9.03
C ILE A 130 -3.38 8.60 9.45
N VAL A 131 -2.53 9.62 9.39
CA VAL A 131 -1.14 9.47 9.80
C VAL A 131 -1.07 9.12 11.29
N PHE A 132 -1.88 9.82 12.10
CA PHE A 132 -1.85 9.56 13.54
C PHE A 132 -2.19 8.11 13.84
N PHE A 133 -3.29 7.60 13.26
CA PHE A 133 -3.73 6.25 13.57
C PHE A 133 -2.86 5.19 12.88
N ALA A 134 -2.47 5.42 11.62
CA ALA A 134 -1.60 4.47 10.95
C ALA A 134 -0.27 4.34 11.68
N ASN A 135 0.19 5.43 12.31
CA ASN A 135 1.42 5.38 13.09
C ASN A 135 1.28 4.44 14.29
N LEU A 136 0.14 4.50 14.99
CA LEU A 136 -0.03 3.60 16.13
C LEU A 136 -0.10 2.15 15.69
N VAL A 137 -0.84 1.88 14.61
CA VAL A 137 -0.99 0.50 14.13
C VAL A 137 0.37 -0.10 13.84
N GLY A 138 1.23 0.66 13.15
CA GLY A 138 2.58 0.18 12.89
C GLY A 138 3.38 -0.08 14.15
N ALA A 139 3.21 0.79 15.16
CA ALA A 139 4.04 0.66 16.36
C ALA A 139 3.61 -0.52 17.23
N MET A 140 2.35 -0.94 17.17
CA MET A 140 1.84 -1.98 18.06
C MET A 140 1.86 -3.38 17.45
N LEU A 141 1.80 -3.51 16.13
CA LEU A 141 1.92 -4.83 15.49
C LEU A 141 3.14 -5.64 15.89
N PRO A 142 4.36 -5.09 15.94
CA PRO A 142 5.48 -5.92 16.39
C PRO A 142 5.27 -6.51 17.77
N PHE A 143 4.68 -5.74 18.69
CA PHE A 143 4.35 -6.28 20.00
C PHE A 143 3.34 -7.41 19.92
N LEU A 144 2.28 -7.22 19.13
CA LEU A 144 1.26 -8.26 19.01
C LEU A 144 1.82 -9.53 18.37
N LEU A 145 2.59 -9.37 17.30
CA LEU A 145 3.13 -10.54 16.60
C LEU A 145 4.13 -11.30 17.46
N ARG A 146 5.01 -10.58 18.14
CA ARG A 146 6.00 -11.23 19.00
C ARG A 146 5.34 -11.98 20.14
N ARG A 147 4.38 -11.34 20.81
CA ARG A 147 3.58 -12.00 21.83
C ARG A 147 2.93 -13.28 21.30
N LEU A 148 2.86 -13.43 19.98
CA LEU A 148 2.15 -14.54 19.34
C LEU A 148 3.09 -15.41 18.50
N GLY A 149 4.40 -15.29 18.70
CA GLY A 149 5.34 -16.17 18.02
C GLY A 149 5.41 -16.01 16.52
N VAL A 150 5.14 -14.81 16.00
CA VAL A 150 5.19 -14.56 14.57
C VAL A 150 6.37 -13.65 14.26
N ASP A 151 7.12 -14.00 13.21
CA ASP A 151 8.22 -13.18 12.73
C ASP A 151 7.72 -12.20 11.68
N PRO A 152 7.91 -10.91 11.87
CA PRO A 152 7.32 -9.91 10.95
C PRO A 152 7.65 -10.07 9.47
N ALA A 153 8.85 -10.53 9.11
CA ALA A 153 9.41 -10.34 7.77
C ALA A 153 8.39 -10.50 6.63
N LEU A 154 7.69 -11.63 6.60
CA LEU A 154 6.70 -11.83 5.55
C LEU A 154 5.38 -11.13 5.86
N VAL A 155 5.04 -11.01 7.13
CA VAL A 155 3.68 -10.69 7.55
C VAL A 155 3.50 -9.21 7.88
N SER A 156 4.51 -8.54 8.44
CA SER A 156 4.25 -7.24 9.05
C SER A 156 3.86 -6.20 8.00
N ASN A 157 4.61 -6.14 6.91
CA ASN A 157 4.43 -5.08 5.93
C ASN A 157 3.06 -5.08 5.27
N PRO A 158 2.57 -6.21 4.71
CA PRO A 158 1.24 -6.16 4.07
C PRO A 158 0.10 -6.04 5.07
N LEU A 159 0.31 -6.50 6.31
CA LEU A 159 -0.72 -6.37 7.32
C LEU A 159 -0.97 -4.91 7.67
N VAL A 160 0.11 -4.13 7.85
CA VAL A 160 -0.03 -2.71 8.10
C VAL A 160 -0.67 -2.02 6.91
N ALA A 161 -0.28 -2.39 5.70
CA ALA A 161 -0.81 -1.75 4.51
C ALA A 161 -2.31 -2.00 4.37
N THR A 162 -2.77 -3.21 4.65
CA THR A 162 -4.19 -3.53 4.50
C THR A 162 -5.02 -2.92 5.63
N LEU A 163 -4.55 -3.02 6.88
CA LEU A 163 -5.20 -2.35 8.00
C LEU A 163 -5.32 -0.85 7.76
N SER A 164 -4.25 -0.22 7.29
CA SER A 164 -4.28 1.24 7.15
C SER A 164 -5.18 1.67 6.01
N ASP A 165 -5.38 0.82 5.00
CA ASP A 165 -6.30 1.14 3.92
C ASP A 165 -7.74 1.17 4.40
N VAL A 166 -8.14 0.20 5.23
CA VAL A 166 -9.51 0.14 5.72
C VAL A 166 -9.79 1.26 6.70
N THR A 167 -9.00 1.33 7.77
CA THR A 167 -9.12 2.45 8.70
C THR A 167 -8.90 3.78 7.98
N GLY A 168 -8.08 3.78 6.93
CA GLY A 168 -7.86 5.01 6.19
C GLY A 168 -9.10 5.49 5.43
N LEU A 169 -9.77 4.58 4.72
CA LEU A 169 -11.04 4.95 4.08
C LEU A 169 -12.09 5.33 5.10
N LEU A 170 -12.19 4.59 6.20
CA LEU A 170 -13.26 4.85 7.15
C LEU A 170 -13.16 6.27 7.68
N ILE A 171 -11.95 6.73 7.97
CA ILE A 171 -11.75 8.11 8.41
C ILE A 171 -12.10 9.10 7.30
N TYR A 172 -11.56 8.87 6.09
CA TYR A 172 -11.68 9.84 5.00
C TYR A 172 -13.13 10.07 4.62
N LEU A 173 -13.85 9.00 4.27
CA LEU A 173 -15.22 9.15 3.79
C LEU A 173 -16.14 9.66 4.90
N SER A 174 -15.88 9.28 6.15
CA SER A 174 -16.67 9.81 7.26
C SER A 174 -16.53 11.32 7.37
N VAL A 175 -15.29 11.82 7.39
CA VAL A 175 -15.06 13.26 7.39
C VAL A 175 -15.72 13.90 6.18
N ALA A 176 -15.63 13.23 5.02
CA ALA A 176 -16.22 13.76 3.80
C ALA A 176 -17.74 13.80 3.90
N ARG A 177 -18.37 12.71 4.35
CA ARG A 177 -19.82 12.73 4.53
C ARG A 177 -20.23 13.83 5.49
N LEU A 178 -19.45 14.06 6.55
CA LEU A 178 -19.83 15.04 7.57
C LEU A 178 -19.72 16.46 7.03
N LEU A 179 -18.62 16.79 6.35
CA LEU A 179 -18.37 18.16 5.93
C LEU A 179 -19.07 18.53 4.63
N LEU A 180 -19.48 17.55 3.83
CA LEU A 180 -20.03 17.79 2.51
C LEU A 180 -21.53 17.54 2.41
N GLU A 181 -22.17 17.09 3.49
CA GLU A 181 -23.59 16.76 3.43
C GLU A 181 -24.36 17.20 4.68
N LEU B 4 18.79 6.73 15.69
CA LEU B 4 19.55 5.48 15.79
C LEU B 4 18.89 4.52 16.76
N VAL B 5 18.92 4.88 18.04
CA VAL B 5 18.44 4.05 19.13
C VAL B 5 17.09 4.56 19.61
N TYR B 6 16.06 3.73 19.48
CA TYR B 6 14.70 4.19 19.71
C TYR B 6 14.46 4.58 21.17
N SER B 7 15.06 3.86 22.12
CA SER B 7 14.73 4.05 23.53
C SER B 7 15.13 5.42 24.07
N GLU B 8 16.19 6.03 23.52
CA GLU B 8 16.68 7.29 24.04
C GLU B 8 16.44 8.47 23.09
N ALA B 9 15.43 8.35 22.22
CA ALA B 9 15.03 9.44 21.32
C ALA B 9 13.66 9.93 21.72
N GLY B 10 13.50 11.25 21.77
CA GLY B 10 12.24 11.86 22.15
C GLY B 10 11.36 12.10 20.94
N PRO B 11 10.08 12.44 21.20
CA PRO B 11 9.13 12.65 20.10
C PRO B 11 9.67 13.55 19.00
N VAL B 12 10.23 14.71 19.33
CA VAL B 12 10.72 15.64 18.32
C VAL B 12 11.89 15.06 17.53
N ALA B 13 12.80 14.36 18.22
CA ALA B 13 13.94 13.71 17.58
C ALA B 13 13.45 12.68 16.59
N LEU B 14 12.50 11.83 17.03
CA LEU B 14 11.84 10.79 16.24
C LEU B 14 11.10 11.35 15.03
N TRP B 15 10.38 12.47 15.19
CA TRP B 15 9.74 13.14 14.07
C TRP B 15 10.76 13.68 13.07
N LEU B 16 11.80 14.36 13.58
CA LEU B 16 12.80 14.99 12.72
C LEU B 16 13.62 13.96 11.96
N ALA B 17 13.79 12.77 12.54
CA ALA B 17 14.53 11.68 11.91
C ALA B 17 13.70 10.95 10.86
N ARG B 18 12.36 10.94 11.02
CA ARG B 18 11.50 10.21 10.09
C ARG B 18 10.88 11.08 9.00
N VAL B 19 10.88 12.41 9.17
CA VAL B 19 9.96 13.25 8.40
C VAL B 19 10.32 13.28 6.91
N ARG B 20 11.61 13.46 6.59
CA ARG B 20 11.97 13.74 5.20
C ARG B 20 11.62 12.58 4.28
N TRP B 21 11.86 11.35 4.75
CA TRP B 21 11.57 10.19 3.93
C TRP B 21 10.06 10.08 3.66
N LEU B 22 9.24 10.35 4.67
CA LEU B 22 7.79 10.40 4.44
C LEU B 22 7.42 11.57 3.53
N VAL B 23 8.12 12.70 3.66
CA VAL B 23 7.85 13.86 2.83
C VAL B 23 8.21 13.56 1.38
N ILE B 24 9.33 12.89 1.15
CA ILE B 24 9.69 12.46 -0.21
C ILE B 24 8.62 11.54 -0.76
N LEU B 25 8.09 10.64 0.06
CA LEU B 25 7.13 9.65 -0.41
C LEU B 25 5.80 10.30 -0.81
N ILE B 26 5.37 11.32 -0.07
CA ILE B 26 4.08 11.93 -0.36
C ILE B 26 4.16 12.84 -1.58
N LEU B 27 5.29 13.53 -1.77
CA LEU B 27 5.46 14.33 -2.98
C LEU B 27 5.44 13.44 -4.22
N THR B 28 6.10 12.28 -4.15
CA THR B 28 5.96 11.26 -5.19
C THR B 28 4.52 10.76 -5.26
N GLY B 29 3.88 10.56 -4.11
CA GLY B 29 2.54 9.99 -4.09
C GLY B 29 1.50 10.88 -4.73
N MET B 30 1.74 12.19 -4.77
CA MET B 30 0.77 13.12 -5.33
C MET B 30 0.50 12.86 -6.81
N VAL B 31 1.41 12.16 -7.49
CA VAL B 31 1.24 11.88 -8.91
C VAL B 31 -0.03 11.08 -9.16
N THR B 32 -0.41 10.22 -8.21
CA THR B 32 -1.62 9.42 -8.36
C THR B 32 -2.85 10.31 -8.50
N SER B 33 -2.91 11.40 -7.74
CA SER B 33 -4.05 12.31 -7.86
C SER B 33 -4.08 13.01 -9.21
N SER B 34 -2.92 13.35 -9.75
CA SER B 34 -2.87 13.94 -11.09
C SER B 34 -3.35 12.94 -12.14
N ILE B 35 -2.96 11.68 -11.96
CA ILE B 35 -3.38 10.61 -12.87
C ILE B 35 -4.89 10.41 -12.83
N LEU B 36 -5.46 10.39 -11.63
CA LEU B 36 -6.90 10.22 -11.53
C LEU B 36 -7.64 11.40 -12.14
N GLN B 37 -7.07 12.61 -12.03
CA GLN B 37 -7.67 13.78 -12.65
C GLN B 37 -7.66 13.68 -14.17
N GLY B 38 -6.58 13.14 -14.74
CA GLY B 38 -6.52 12.95 -16.18
C GLY B 38 -7.54 11.95 -16.71
N PHE B 39 -8.12 11.14 -15.81
CA PHE B 39 -9.18 10.20 -16.17
C PHE B 39 -10.51 10.59 -15.55
N GLU B 40 -10.71 11.87 -15.23
CA GLU B 40 -11.93 12.28 -14.54
C GLU B 40 -13.18 11.84 -15.29
N SER B 41 -13.13 11.87 -16.62
CA SER B 41 -14.33 11.58 -17.41
C SER B 41 -14.77 10.13 -17.26
N VAL B 42 -13.82 9.20 -17.26
CA VAL B 42 -14.17 7.80 -17.04
C VAL B 42 -14.66 7.62 -15.61
N LEU B 43 -14.03 8.32 -14.65
CA LEU B 43 -14.56 8.35 -13.29
C LEU B 43 -16.00 8.85 -13.27
N GLU B 44 -16.28 9.88 -14.07
CA GLU B 44 -17.64 10.43 -14.13
C GLU B 44 -18.61 9.47 -14.81
N ALA B 45 -18.15 8.78 -15.86
CA ALA B 45 -19.04 7.87 -16.58
C ALA B 45 -19.57 6.75 -15.67
N VAL B 46 -18.69 6.15 -14.87
CA VAL B 46 -19.05 5.02 -14.00
C VAL B 46 -18.53 5.32 -12.59
N THR B 47 -19.45 5.59 -11.66
CA THR B 47 -19.04 5.88 -10.28
C THR B 47 -18.37 4.67 -9.65
N ALA B 48 -18.85 3.47 -9.98
CA ALA B 48 -18.33 2.24 -9.35
C ALA B 48 -16.85 2.01 -9.65
N LEU B 49 -16.30 2.65 -10.68
CA LEU B 49 -14.87 2.55 -10.95
C LEU B 49 -14.03 2.87 -9.72
N ALA B 50 -14.41 3.92 -8.99
CA ALA B 50 -13.66 4.31 -7.80
C ALA B 50 -13.70 3.24 -6.71
N PHE B 51 -14.73 2.39 -6.71
CA PHE B 51 -14.92 1.46 -5.60
C PHE B 51 -13.77 0.48 -5.47
N TYR B 52 -13.09 0.16 -6.58
CA TYR B 52 -12.12 -0.91 -6.62
C TYR B 52 -10.69 -0.42 -6.69
N VAL B 53 -10.45 0.90 -6.61
CA VAL B 53 -9.08 1.42 -6.69
C VAL B 53 -8.21 0.89 -5.54
N PRO B 54 -8.61 0.97 -4.27
CA PRO B 54 -7.73 0.44 -3.21
C PRO B 54 -7.43 -1.04 -3.32
N VAL B 55 -8.40 -1.86 -3.73
CA VAL B 55 -8.18 -3.32 -3.75
C VAL B 55 -7.15 -3.66 -4.80
N LEU B 56 -7.32 -3.08 -6.00
CA LEU B 56 -6.41 -3.37 -7.12
C LEU B 56 -5.00 -2.91 -6.81
N LEU B 57 -4.85 -1.65 -6.40
CA LEU B 57 -3.52 -1.14 -6.03
C LEU B 57 -2.98 -1.90 -4.83
N GLY B 58 -3.84 -2.20 -3.84
CA GLY B 58 -3.39 -2.92 -2.67
C GLY B 58 -2.91 -4.33 -2.99
N THR B 59 -3.60 -5.01 -3.90
CA THR B 59 -3.19 -6.36 -4.27
C THR B 59 -1.89 -6.33 -5.07
N GLY B 60 -1.71 -5.31 -5.91
CA GLY B 60 -0.43 -5.12 -6.58
C GLY B 60 0.73 -5.01 -5.62
N GLY B 61 0.61 -4.11 -4.64
CA GLY B 61 1.69 -3.92 -3.69
C GLY B 61 2.01 -5.17 -2.89
N ASN B 62 0.97 -5.92 -2.48
CA ASN B 62 1.19 -7.17 -1.78
C ASN B 62 2.00 -8.14 -2.63
N THR B 63 1.61 -8.32 -3.88
CA THR B 63 2.30 -9.26 -4.77
C THR B 63 3.76 -8.85 -4.96
N GLY B 64 4.01 -7.58 -5.26
CA GLY B 64 5.36 -7.14 -5.54
C GLY B 64 6.28 -7.23 -4.33
N ASN B 65 5.75 -6.92 -3.14
CA ASN B 65 6.57 -6.94 -1.94
C ASN B 65 6.82 -8.37 -1.45
N GLN B 66 5.87 -9.28 -1.70
CA GLN B 66 6.14 -10.70 -1.52
C GLN B 66 7.25 -11.17 -2.45
N SER B 67 7.19 -10.77 -3.72
CA SER B 67 8.19 -11.17 -4.70
C SER B 67 9.57 -10.67 -4.32
N ALA B 68 9.68 -9.39 -3.93
CA ALA B 68 10.96 -8.81 -3.59
C ALA B 68 11.55 -9.48 -2.35
N THR B 69 10.70 -9.80 -1.37
CA THR B 69 11.19 -10.43 -0.14
C THR B 69 11.84 -11.77 -0.45
N LEU B 70 11.24 -12.53 -1.37
CA LEU B 70 11.85 -13.78 -1.81
C LEU B 70 13.20 -13.52 -2.47
N ILE B 71 13.28 -12.51 -3.34
CA ILE B 71 14.53 -12.23 -4.05
C ILE B 71 15.58 -11.67 -3.10
N ILE B 72 15.20 -10.72 -2.24
CA ILE B 72 16.13 -10.19 -1.25
C ILE B 72 16.71 -11.31 -0.39
N ARG B 73 15.87 -12.30 -0.06
CA ARG B 73 16.35 -13.46 0.68
C ARG B 73 17.36 -14.26 -0.13
N ALA B 74 17.03 -14.59 -1.37
CA ALA B 74 17.91 -15.43 -2.18
C ALA B 74 19.25 -14.77 -2.44
N LEU B 75 19.27 -13.44 -2.56
CA LEU B 75 20.54 -12.76 -2.77
C LEU B 75 21.37 -12.71 -1.48
N ALA B 76 20.70 -12.52 -0.33
CA ALA B 76 21.42 -12.45 0.94
C ALA B 76 22.01 -13.79 1.35
N THR B 77 21.21 -14.87 1.28
CA THR B 77 21.67 -16.23 1.60
C THR B 77 22.46 -16.85 0.46
N ARG B 78 22.60 -16.06 -0.59
CA ARG B 78 23.37 -16.26 -1.84
C ARG B 78 23.09 -17.59 -2.50
N ASP B 79 21.82 -17.90 -2.46
CA ASP B 79 21.27 -18.84 -3.38
C ASP B 79 21.30 -18.26 -4.80
N LEU B 80 21.15 -16.94 -4.95
CA LEU B 80 21.33 -16.25 -6.22
C LEU B 80 22.34 -15.12 -6.10
N ASP B 81 22.92 -14.71 -7.23
CA ASP B 81 23.72 -13.50 -7.33
C ASP B 81 23.14 -12.59 -8.41
N LEU B 82 23.77 -11.43 -8.60
CA LEU B 82 23.24 -10.40 -9.50
C LEU B 82 23.17 -10.87 -10.96
N ARG B 83 23.93 -11.88 -11.35
CA ARG B 83 23.90 -12.31 -12.75
C ARG B 83 22.73 -13.23 -13.08
N ASP B 84 21.97 -13.69 -12.07
CA ASP B 84 20.87 -14.63 -12.27
C ASP B 84 19.57 -13.95 -12.70
N TRP B 85 19.61 -12.70 -13.16
CA TRP B 85 18.38 -11.94 -13.30
C TRP B 85 17.51 -12.39 -14.48
N ARG B 86 18.08 -12.90 -15.58
CA ARG B 86 17.19 -13.27 -16.68
C ARG B 86 16.30 -14.44 -16.29
N ARG B 87 16.84 -15.42 -15.56
CA ARG B 87 16.06 -16.60 -15.20
C ARG B 87 14.97 -16.27 -14.18
N VAL B 88 15.29 -15.45 -13.19
CA VAL B 88 14.26 -14.98 -12.27
C VAL B 88 13.13 -14.31 -13.06
N PHE B 89 13.50 -13.45 -14.02
CA PHE B 89 12.51 -12.79 -14.86
C PHE B 89 11.65 -13.81 -15.61
N LEU B 90 12.28 -14.74 -16.32
CA LEU B 90 11.51 -15.71 -17.10
C LEU B 90 10.65 -16.58 -16.20
N LYS B 91 11.18 -17.00 -15.05
CA LYS B 91 10.39 -17.80 -14.12
C LYS B 91 9.28 -16.98 -13.49
N GLU B 92 9.56 -15.73 -13.11
CA GLU B 92 8.57 -14.94 -12.38
C GLU B 92 7.39 -14.52 -13.23
N MET B 93 7.54 -14.41 -14.55
CA MET B 93 6.38 -14.10 -15.37
C MET B 93 5.45 -15.29 -15.53
N GLY B 94 5.90 -16.49 -15.18
CA GLY B 94 5.01 -17.63 -15.03
C GLY B 94 4.25 -17.58 -13.72
N VAL B 95 4.97 -17.33 -12.63
CA VAL B 95 4.34 -17.24 -11.31
C VAL B 95 3.32 -16.11 -11.27
N GLY B 96 3.67 -14.97 -11.88
CA GLY B 96 2.77 -13.82 -11.84
C GLY B 96 1.48 -14.05 -12.60
N LEU B 97 1.57 -14.69 -13.78
CA LEU B 97 0.36 -15.02 -14.52
C LEU B 97 -0.57 -15.90 -13.69
N LEU B 98 -0.01 -16.92 -13.04
CA LEU B 98 -0.82 -17.80 -12.19
C LEU B 98 -1.43 -17.04 -11.03
N LEU B 99 -0.63 -16.19 -10.38
CA LEU B 99 -1.16 -15.39 -9.27
C LEU B 99 -2.21 -14.40 -9.78
N GLY B 100 -2.01 -13.85 -10.97
CA GLY B 100 -2.97 -12.90 -11.50
C GLY B 100 -4.32 -13.52 -11.77
N LEU B 101 -4.33 -14.68 -12.42
CA LEU B 101 -5.59 -15.38 -12.71
C LEU B 101 -6.31 -15.78 -11.42
N THR B 102 -5.56 -16.23 -10.41
CA THR B 102 -6.18 -16.64 -9.15
C THR B 102 -6.89 -15.48 -8.47
N LEU B 103 -6.15 -14.41 -8.16
CA LEU B 103 -6.74 -13.27 -7.49
C LEU B 103 -7.81 -12.61 -8.36
N SER B 104 -7.65 -12.68 -9.69
CA SER B 104 -8.68 -12.13 -10.58
C SER B 104 -9.99 -12.84 -10.40
N PHE B 105 -9.94 -14.16 -10.26
CA PHE B 105 -11.15 -14.94 -10.06
C PHE B 105 -11.86 -14.53 -8.78
N LEU B 106 -11.10 -14.32 -7.71
CA LEU B 106 -11.70 -13.89 -6.45
C LEU B 106 -12.33 -12.50 -6.59
N LEU B 107 -11.59 -11.55 -7.16
CA LEU B 107 -12.09 -10.18 -7.22
C LEU B 107 -13.27 -10.05 -8.17
N VAL B 108 -13.24 -10.78 -9.29
CA VAL B 108 -14.39 -10.80 -10.20
C VAL B 108 -15.64 -11.27 -9.46
N GLY B 109 -15.49 -12.29 -8.61
CA GLY B 109 -16.62 -12.73 -7.81
C GLY B 109 -17.17 -11.65 -6.91
N LYS B 110 -16.29 -10.81 -6.35
CA LYS B 110 -16.75 -9.70 -5.53
C LYS B 110 -17.46 -8.63 -6.36
N VAL B 111 -17.04 -8.43 -7.61
CA VAL B 111 -17.71 -7.44 -8.45
C VAL B 111 -19.13 -7.90 -8.79
N TYR B 112 -19.30 -9.20 -9.04
CA TYR B 112 -20.64 -9.76 -9.23
C TYR B 112 -21.49 -9.54 -7.98
N TRP B 113 -20.93 -9.82 -6.81
CA TRP B 113 -21.66 -9.61 -5.55
C TRP B 113 -22.07 -8.15 -5.39
N ASP B 114 -21.19 -7.22 -5.76
CA ASP B 114 -21.52 -5.81 -5.67
C ASP B 114 -22.51 -5.39 -6.75
N GLY B 115 -22.71 -6.22 -7.77
CA GLY B 115 -23.71 -5.95 -8.79
C GLY B 115 -23.31 -4.87 -9.78
N HIS B 116 -22.11 -5.00 -10.34
CA HIS B 116 -21.64 -4.11 -11.41
C HIS B 116 -21.18 -4.97 -12.57
N PRO B 117 -22.12 -5.65 -13.24
CA PRO B 117 -21.73 -6.55 -14.35
C PRO B 117 -20.96 -5.84 -15.43
N LEU B 118 -21.27 -4.57 -15.65
CA LEU B 118 -20.56 -3.70 -16.57
C LEU B 118 -19.07 -3.57 -16.25
N LEU B 119 -18.68 -3.79 -14.99
CA LEU B 119 -17.28 -3.66 -14.60
C LEU B 119 -16.54 -5.00 -14.49
N LEU B 120 -17.23 -6.13 -14.66
CA LEU B 120 -16.58 -7.44 -14.56
C LEU B 120 -15.33 -7.60 -15.43
N PRO B 121 -15.35 -7.30 -16.74
CA PRO B 121 -14.11 -7.44 -17.51
C PRO B 121 -13.08 -6.38 -17.20
N VAL B 122 -13.50 -5.14 -16.90
CA VAL B 122 -12.53 -4.08 -16.62
C VAL B 122 -11.70 -4.43 -15.40
N VAL B 123 -12.36 -4.83 -14.31
CA VAL B 123 -11.65 -5.16 -13.08
C VAL B 123 -10.85 -6.45 -13.25
N GLY B 124 -11.45 -7.47 -13.85
CA GLY B 124 -10.78 -8.76 -13.96
C GLY B 124 -9.52 -8.70 -14.81
N VAL B 125 -9.62 -8.08 -16.00
CA VAL B 125 -8.45 -7.90 -16.85
C VAL B 125 -7.39 -7.08 -16.13
N SER B 126 -7.82 -5.99 -15.48
CA SER B 126 -6.87 -5.08 -14.85
C SER B 126 -6.06 -5.78 -13.77
N LEU B 127 -6.72 -6.61 -12.95
CA LEU B 127 -6.00 -7.28 -11.87
C LEU B 127 -4.95 -8.26 -12.39
N VAL B 128 -5.27 -8.96 -13.48
CA VAL B 128 -4.29 -9.87 -14.06
C VAL B 128 -3.05 -9.10 -14.51
N LEU B 129 -3.27 -7.98 -15.21
CA LEU B 129 -2.13 -7.16 -15.64
C LEU B 129 -1.41 -6.56 -14.45
N ILE B 130 -2.16 -6.08 -13.45
CA ILE B 130 -1.53 -5.45 -12.29
C ILE B 130 -0.69 -6.47 -11.52
N VAL B 131 -1.24 -7.66 -11.28
CA VAL B 131 -0.46 -8.68 -10.58
C VAL B 131 0.75 -9.11 -11.40
N PHE B 132 0.57 -9.29 -12.71
CA PHE B 132 1.67 -9.76 -13.55
C PHE B 132 2.84 -8.78 -13.51
N PHE B 133 2.58 -7.49 -13.72
CA PHE B 133 3.66 -6.52 -13.80
C PHE B 133 4.25 -6.22 -12.42
N ALA B 134 3.41 -6.09 -11.40
CA ALA B 134 3.92 -5.83 -10.04
C ALA B 134 4.79 -6.98 -9.56
N ASN B 135 4.48 -8.22 -9.97
CA ASN B 135 5.33 -9.34 -9.61
C ASN B 135 6.72 -9.20 -10.23
N LEU B 136 6.79 -8.76 -11.48
CA LEU B 136 8.11 -8.55 -12.09
C LEU B 136 8.87 -7.43 -11.40
N VAL B 137 8.18 -6.32 -11.11
CA VAL B 137 8.83 -5.17 -10.46
C VAL B 137 9.47 -5.58 -9.15
N GLY B 138 8.74 -6.35 -8.33
CA GLY B 138 9.29 -6.81 -7.07
C GLY B 138 10.53 -7.67 -7.25
N ALA B 139 10.54 -8.54 -8.25
CA ALA B 139 11.66 -9.45 -8.42
C ALA B 139 12.91 -8.75 -8.94
N MET B 140 12.75 -7.63 -9.65
CA MET B 140 13.88 -6.97 -10.30
C MET B 140 14.48 -5.82 -9.49
N LEU B 141 13.71 -5.15 -8.63
CA LEU B 141 14.29 -4.10 -7.77
C LEU B 141 15.45 -4.56 -6.91
N PRO B 142 15.41 -5.71 -6.21
CA PRO B 142 16.61 -6.10 -5.46
C PRO B 142 17.84 -6.22 -6.34
N PHE B 143 17.67 -6.76 -7.55
CA PHE B 143 18.77 -6.80 -8.51
C PHE B 143 19.22 -5.39 -8.89
N LEU B 144 18.25 -4.53 -9.21
CA LEU B 144 18.59 -3.17 -9.63
C LEU B 144 19.23 -2.38 -8.50
N LEU B 145 18.68 -2.49 -7.28
CA LEU B 145 19.19 -1.71 -6.16
C LEU B 145 20.62 -2.11 -5.79
N ARG B 146 20.90 -3.41 -5.76
CA ARG B 146 22.24 -3.87 -5.38
C ARG B 146 23.28 -3.44 -6.40
N ARG B 147 23.01 -3.65 -7.70
CA ARG B 147 23.89 -3.14 -8.75
C ARG B 147 24.13 -1.64 -8.64
N LEU B 148 23.30 -0.94 -7.85
CA LEU B 148 23.27 0.52 -7.81
C LEU B 148 23.72 1.03 -6.44
N GLY B 149 24.37 0.17 -5.65
CA GLY B 149 24.91 0.58 -4.37
C GLY B 149 23.87 0.96 -3.33
N VAL B 150 22.66 0.42 -3.45
CA VAL B 150 21.58 0.61 -2.50
C VAL B 150 21.27 -0.74 -1.89
N ASP B 151 20.99 -0.76 -0.58
CA ASP B 151 20.59 -2.01 0.06
C ASP B 151 19.10 -2.18 -0.11
N PRO B 152 18.64 -3.24 -0.80
CA PRO B 152 17.19 -3.38 -1.05
C PRO B 152 16.36 -3.37 0.22
N ALA B 153 16.88 -4.05 1.26
CA ALA B 153 16.12 -4.28 2.48
C ALA B 153 15.50 -3.00 3.02
N LEU B 154 16.29 -1.92 3.07
CA LEU B 154 15.81 -0.71 3.75
C LEU B 154 14.79 0.06 2.93
N VAL B 155 14.92 0.11 1.61
CA VAL B 155 14.09 1.01 0.82
C VAL B 155 12.93 0.33 0.08
N SER B 156 13.01 -0.96 -0.22
CA SER B 156 12.15 -1.55 -1.23
C SER B 156 10.69 -1.44 -0.86
N ASN B 157 10.38 -1.68 0.40
CA ASN B 157 8.98 -1.86 0.77
C ASN B 157 8.12 -0.66 0.41
N PRO B 158 8.46 0.59 0.77
CA PRO B 158 7.66 1.71 0.27
C PRO B 158 7.91 2.00 -1.20
N LEU B 159 9.08 1.62 -1.73
CA LEU B 159 9.37 1.85 -3.14
C LEU B 159 8.45 1.04 -4.04
N VAL B 160 8.26 -0.25 -3.73
CA VAL B 160 7.35 -1.09 -4.50
C VAL B 160 5.92 -0.56 -4.38
N ALA B 161 5.54 -0.11 -3.19
CA ALA B 161 4.17 0.36 -2.98
C ALA B 161 3.84 1.56 -3.85
N THR B 162 4.79 2.49 -4.01
CA THR B 162 4.53 3.69 -4.80
C THR B 162 4.54 3.39 -6.30
N LEU B 163 5.50 2.60 -6.77
CA LEU B 163 5.49 2.16 -8.17
C LEU B 163 4.21 1.42 -8.52
N SER B 164 3.76 0.52 -7.65
CA SER B 164 2.61 -0.31 -8.00
C SER B 164 1.32 0.51 -7.99
N ASP B 165 1.28 1.59 -7.20
CA ASP B 165 0.10 2.46 -7.20
C ASP B 165 0.00 3.25 -8.51
N VAL B 166 1.12 3.77 -9.00
CA VAL B 166 1.10 4.59 -10.21
C VAL B 166 0.86 3.71 -11.43
N THR B 167 1.71 2.70 -11.63
CA THR B 167 1.49 1.77 -12.73
C THR B 167 0.15 1.07 -12.61
N GLY B 168 -0.28 0.77 -11.37
CA GLY B 168 -1.56 0.12 -11.19
C GLY B 168 -2.73 0.99 -11.59
N LEU B 169 -2.70 2.27 -11.22
CA LEU B 169 -3.72 3.20 -11.68
C LEU B 169 -3.69 3.33 -13.20
N LEU B 170 -2.50 3.44 -13.78
CA LEU B 170 -2.38 3.63 -15.22
C LEU B 170 -2.96 2.45 -15.99
N ILE B 171 -2.72 1.22 -15.53
CA ILE B 171 -3.30 0.06 -16.20
C ILE B 171 -4.82 0.06 -16.06
N TYR B 172 -5.32 0.24 -14.84
CA TYR B 172 -6.75 0.10 -14.56
C TYR B 172 -7.57 1.12 -15.36
N LEU B 173 -7.24 2.40 -15.20
CA LEU B 173 -8.02 3.45 -15.87
C LEU B 173 -7.88 3.38 -17.39
N SER B 174 -6.72 2.98 -17.90
CA SER B 174 -6.57 2.80 -19.34
C SER B 174 -7.49 1.71 -19.86
N VAL B 175 -7.49 0.55 -19.20
CA VAL B 175 -8.45 -0.49 -19.53
C VAL B 175 -9.86 0.06 -19.43
N ALA B 176 -10.10 1.00 -18.52
CA ALA B 176 -11.43 1.57 -18.38
C ALA B 176 -11.87 2.36 -19.62
N ARG B 177 -11.04 3.28 -20.15
CA ARG B 177 -11.45 3.97 -21.38
C ARG B 177 -11.54 3.00 -22.54
N LEU B 178 -10.68 2.00 -22.61
CA LEU B 178 -10.74 1.15 -23.79
C LEU B 178 -12.04 0.35 -23.83
N LEU B 179 -12.45 -0.22 -22.70
CA LEU B 179 -13.66 -1.02 -22.72
C LEU B 179 -14.93 -0.23 -22.49
N LEU B 180 -14.87 0.95 -21.84
CA LEU B 180 -16.08 1.70 -21.52
C LEU B 180 -16.23 2.98 -22.32
N GLU B 181 -15.25 3.35 -23.14
CA GLU B 181 -15.31 4.61 -23.88
C GLU B 181 -14.70 4.43 -25.28
C18 OLC C . -5.73 1.01 24.42
C10 OLC C . -3.24 -3.02 21.12
C9 OLC C . -2.15 -2.99 21.88
C17 OLC C . -6.19 -0.39 24.75
C11 OLC C . -3.88 -4.34 20.73
C8 OLC C . -1.55 -4.26 22.41
C24 OLC C . 1.73 -6.81 31.65
C16 OLC C . -5.01 -1.35 24.63
C12 OLC C . -5.19 -4.64 21.44
C7 OLC C . -0.53 -4.89 21.46
C15 OLC C . -5.44 -2.79 24.78
C13 OLC C . -5.12 -4.52 22.96
C6 OLC C . -0.29 -6.35 21.86
C14 OLC C . -5.87 -3.28 23.40
C5 OLC C . 0.95 -6.45 22.76
C4 OLC C . 0.87 -7.54 23.82
C3 OLC C . 1.41 -6.92 25.10
C2 OLC C . 1.67 -7.83 26.30
C21 OLC C . 2.00 -5.56 29.48
C1 OLC C . 1.26 -7.07 27.56
C22 OLC C . 2.72 -6.20 30.66
O19 OLC C . 0.08 -6.92 27.84
O25 OLC C . 2.37 -6.93 32.93
O23 OLC C . 3.58 -7.24 30.17
O20 OLC C . 2.28 -6.42 28.38
CA CA D . -0.54 0.53 -0.32
CA CA E . -21.19 10.40 -12.72
CA CA F . -19.77 13.19 -10.37
C18 OLC G . 3.71 22.40 -0.97
C10 OLC G . 2.67 17.72 -7.76
C9 OLC G . 3.57 16.94 -8.34
C17 OLC G . 2.61 22.11 -1.97
C11 OLC G . 2.56 19.18 -8.17
C8 OLC G . 3.68 15.49 -7.94
C16 OLC G . 3.05 21.09 -3.02
C12 OLC G . 1.30 19.81 -7.59
C15 OLC G . 2.63 21.57 -4.41
C13 OLC G . 1.66 20.94 -6.63
C14 OLC G . 2.20 20.41 -5.31
C18 OLC H . -15.99 -16.62 -5.70
C10 OLC H . -18.14 -10.96 0.64
C9 OLC H . -17.05 -10.24 0.90
C17 OLC H . -15.72 -15.21 -5.21
C11 OLC H . -18.90 -10.81 -0.66
C8 OLC H . -16.32 -10.43 2.22
C24 OLC H . -26.22 -6.62 0.50
C16 OLC H . -15.83 -15.12 -3.69
C12 OLC H . -18.73 -11.99 -1.60
C7 OLC H . -15.48 -9.20 2.59
C15 OLC H . -15.70 -13.66 -3.24
C13 OLC H . -17.26 -12.30 -1.84
C6 OLC H . -16.19 -7.86 2.42
C14 OLC H . -17.03 -12.93 -3.21
C5 OLC H . -17.42 -7.63 3.32
C4 OLC H . -18.66 -7.88 2.47
C3 OLC H . -19.83 -6.93 2.59
C2 OLC H . -20.90 -7.60 1.75
C21 OLC H . -23.91 -5.68 0.27
C1 OLC H . -21.72 -6.63 0.93
C22 OLC H . -24.98 -6.55 -0.39
O19 OLC H . -21.21 -6.03 0.00
O25 OLC H . -26.96 -7.80 0.16
O23 OLC H . -25.34 -6.01 -1.67
O20 OLC H . -23.15 -6.52 1.14
CA CA I . -18.66 17.60 -15.75
#